data_6MJL
#
_entry.id   6MJL
#
_cell.length_a   77.434
_cell.length_b   89.691
_cell.length_c   96.332
_cell.angle_alpha   90.00
_cell.angle_beta   90.00
_cell.angle_gamma   90.00
#
_symmetry.space_group_name_H-M   'P 21 21 21'
#
loop_
_entity.id
_entity.type
_entity.pdbx_description
1 polymer 'Importin subunit alpha-1'
2 polymer 'ChREBP Peptide ASN-TYR-TRP-LYS-ARG-ARG-ILE-GLU-VAL'
3 water water
#
loop_
_entity_poly.entity_id
_entity_poly.type
_entity_poly.pdbx_seq_one_letter_code
_entity_poly.pdbx_strand_id
1 'polypeptide(L)'
;GTVNWSVEDIVKGINSNNLESQLQATQAARKLLSREKQPPIDNIIRAGLIPKFVSFLGKTDCSPIQFESAWALTNIASGT
SEQTKAVVDGGAIPAFISLLASPHAHISEQAVWALGNIAGDGSAFRDLVIKHGAIDPLLALLAVPDLSTLACGYLRNLTW
TLSNLCRNKNPAPPLDAVEQILPTLVRLLHHNDPEVLADSCWAISYLTDGPNERIEMVVKKGVVPQLVKLLGATELPIVT
PALRAIGNIVTGTDEQTQKVIDAGALAVFPSLLTNPKTNIQKEATWTMSNITAGRQDQIQQVVNHGLVPFLVGVLSKADF
KTQKEAAWAITNYTSGGTVEQIVYLVHCGIIEPLMNLLSAKDTKIIQVILDAISNIFQAAEKLGETEKLSIMIEECGGLD
KIEALQRHENESVYKASLNLIEKYFS
;
B
2 'polypeptide(L)' NYWKRRIEV A
#
# COMPACT_ATOMS: atom_id res chain seq x y z
N GLY A 1 -22.09 29.68 22.27
CA GLY A 1 -22.80 28.82 23.21
C GLY A 1 -21.91 27.76 23.84
N THR A 2 -21.49 26.78 23.05
CA THR A 2 -20.53 25.78 23.52
C THR A 2 -19.13 26.04 22.98
N VAL A 3 -18.85 27.26 22.51
CA VAL A 3 -17.54 27.56 21.95
C VAL A 3 -16.56 27.82 23.09
N ASN A 4 -15.34 27.30 22.93
CA ASN A 4 -14.25 27.18 23.90
C ASN A 4 -14.65 27.25 25.37
N TRP A 5 -15.12 26.12 25.91
CA TRP A 5 -15.19 25.93 27.35
C TRP A 5 -13.85 25.46 27.89
N SER A 6 -13.72 25.51 29.21
CA SER A 6 -12.63 24.86 29.88
C SER A 6 -12.96 23.39 30.12
N VAL A 7 -11.91 22.58 30.30
CA VAL A 7 -12.11 21.20 30.66
C VAL A 7 -12.74 21.10 32.05
N GLU A 8 -12.52 22.10 32.88
CA GLU A 8 -13.18 22.13 34.18
C GLU A 8 -14.68 22.32 34.02
N ASP A 9 -15.08 23.27 33.17
CA ASP A 9 -16.51 23.51 32.92
C ASP A 9 -17.18 22.29 32.31
N ILE A 10 -16.52 21.65 31.34
CA ILE A 10 -17.07 20.45 30.72
C ILE A 10 -17.33 19.39 31.79
N VAL A 11 -16.37 19.23 32.72
CA VAL A 11 -16.52 18.22 33.76
C VAL A 11 -17.71 18.55 34.66
N LYS A 12 -17.89 19.83 35.00
CA LYS A 12 -19.02 20.21 35.84
C LYS A 12 -20.34 19.81 35.17
N GLY A 13 -20.47 20.09 33.87
CA GLY A 13 -21.74 19.84 33.21
C GLY A 13 -22.00 18.37 32.95
N ILE A 14 -20.95 17.62 32.64
CA ILE A 14 -21.12 16.18 32.43
C ILE A 14 -21.46 15.51 33.75
N ASN A 15 -20.99 16.05 34.87
CA ASN A 15 -21.22 15.46 36.19
C ASN A 15 -22.51 15.94 36.85
N SER A 16 -23.10 17.03 36.36
CA SER A 16 -24.49 17.29 36.65
C SER A 16 -25.28 16.03 36.31
N ASN A 17 -26.40 15.83 36.96
CA ASN A 17 -27.18 14.67 36.56
C ASN A 17 -28.33 15.06 35.65
N ASN A 18 -28.02 15.94 34.71
CA ASN A 18 -29.02 16.61 33.89
C ASN A 18 -28.63 16.32 32.45
N LEU A 19 -29.39 15.41 31.82
CA LEU A 19 -29.05 14.93 30.49
C LEU A 19 -28.83 16.09 29.52
N GLU A 20 -29.65 17.13 29.60
CA GLU A 20 -29.46 18.27 28.72
C GLU A 20 -28.17 19.02 29.08
N SER A 21 -27.91 19.18 30.38
CA SER A 21 -26.64 19.77 30.80
C SER A 21 -25.48 18.94 30.28
N GLN A 22 -25.60 17.62 30.37
CA GLN A 22 -24.54 16.73 29.87
C GLN A 22 -24.41 16.83 28.36
N LEU A 23 -25.53 16.91 27.66
CA LEU A 23 -25.48 17.08 26.21
C LEU A 23 -24.66 18.31 25.85
N GLN A 24 -24.88 19.43 26.56
CA GLN A 24 -24.16 20.65 26.21
C GLN A 24 -22.68 20.52 26.49
N ALA A 25 -22.32 19.94 27.64
CA ALA A 25 -20.92 19.76 27.96
C ALA A 25 -20.26 18.80 26.98
N THR A 26 -20.98 17.73 26.59
CA THR A 26 -20.41 16.80 25.62
C THR A 26 -20.11 17.51 24.31
N GLN A 27 -20.99 18.41 23.87
CA GLN A 27 -20.74 19.13 22.63
C GLN A 27 -19.59 20.12 22.79
N ALA A 28 -19.53 20.84 23.90
CA ALA A 28 -18.35 21.66 24.15
C ALA A 28 -17.09 20.81 24.08
N ALA A 29 -17.15 19.56 24.57
CA ALA A 29 -16.02 18.65 24.46
C ALA A 29 -15.68 18.38 23.00
N ARG A 30 -16.69 18.02 22.20
CA ARG A 30 -16.44 17.74 20.79
C ARG A 30 -15.83 18.94 20.10
N LYS A 31 -16.30 20.14 20.41
CA LYS A 31 -15.77 21.32 19.75
C LYS A 31 -14.31 21.53 20.11
N LEU A 32 -13.94 21.34 21.38
CA LEU A 32 -12.53 21.35 21.75
C LEU A 32 -11.74 20.35 20.92
N LEU A 33 -12.21 19.10 20.85
CA LEU A 33 -11.46 18.04 20.18
C LEU A 33 -11.42 18.20 18.67
N SER A 34 -12.28 19.03 18.07
CA SER A 34 -12.29 19.13 16.62
C SER A 34 -11.73 20.47 16.10
N ARG A 35 -11.06 21.24 16.94
CA ARG A 35 -10.40 22.45 16.44
C ARG A 35 -9.10 22.06 15.73
N GLU A 36 -8.60 23.00 14.91
CA GLU A 36 -7.41 22.70 14.12
C GLU A 36 -6.16 22.59 14.99
N LYS A 37 -5.92 23.62 15.80
CA LYS A 37 -4.75 23.72 16.66
C LYS A 37 -4.86 22.74 17.84
N GLN A 38 -3.85 21.88 18.01
CA GLN A 38 -3.62 21.07 19.21
C GLN A 38 -4.88 20.77 20.04
N PRO A 39 -5.74 19.87 19.58
CA PRO A 39 -6.89 19.46 20.40
C PRO A 39 -6.41 18.88 21.72
N PRO A 40 -7.05 19.24 22.85
CA PRO A 40 -6.59 18.79 24.19
C PRO A 40 -6.98 17.35 24.52
N ILE A 41 -6.52 16.42 23.70
CA ILE A 41 -6.84 15.00 23.91
C ILE A 41 -6.40 14.55 25.30
N ASP A 42 -5.15 14.86 25.68
CA ASP A 42 -4.69 14.34 26.97
C ASP A 42 -5.45 14.97 28.12
N ASN A 43 -5.77 16.27 28.01
CA ASN A 43 -6.50 16.92 29.08
C ASN A 43 -7.84 16.24 29.31
N ILE A 44 -8.51 15.85 28.22
CA ILE A 44 -9.83 15.23 28.31
C ILE A 44 -9.70 13.85 28.94
N ILE A 45 -8.77 13.05 28.47
CA ILE A 45 -8.50 11.76 29.09
C ILE A 45 -8.26 11.92 30.59
N ARG A 46 -7.31 12.81 30.96
CA ARG A 46 -6.97 12.95 32.38
C ARG A 46 -8.16 13.45 33.20
N ALA A 47 -9.05 14.24 32.61
CA ALA A 47 -10.25 14.64 33.33
C ALA A 47 -11.18 13.46 33.64
N GLY A 48 -10.91 12.28 33.09
CA GLY A 48 -11.76 11.13 33.38
C GLY A 48 -13.02 11.02 32.53
N LEU A 49 -13.11 11.72 31.40
CA LEU A 49 -14.37 11.85 30.69
C LEU A 49 -14.69 10.67 29.79
N ILE A 50 -13.70 9.83 29.46
CA ILE A 50 -13.92 8.77 28.46
C ILE A 50 -15.02 7.79 28.86
N PRO A 51 -15.03 7.25 30.08
CA PRO A 51 -16.16 6.37 30.46
C PRO A 51 -17.51 7.05 30.39
N LYS A 52 -17.60 8.36 30.66
CA LYS A 52 -18.89 9.01 30.56
C LYS A 52 -19.33 9.11 29.12
N PHE A 53 -18.39 9.42 28.21
CA PHE A 53 -18.71 9.44 26.78
C PHE A 53 -19.20 8.08 26.31
N VAL A 54 -18.49 7.01 26.71
CA VAL A 54 -18.88 5.68 26.27
C VAL A 54 -20.30 5.38 26.75
N SER A 55 -20.58 5.71 27.99
CA SER A 55 -21.92 5.53 28.53
C SER A 55 -22.96 6.31 27.72
N PHE A 56 -22.62 7.54 27.30
CA PHE A 56 -23.53 8.33 26.48
C PHE A 56 -23.86 7.64 25.16
N LEU A 57 -22.95 6.80 24.64
CA LEU A 57 -23.28 6.07 23.42
C LEU A 57 -24.54 5.23 23.58
N GLY A 58 -24.81 4.72 24.78
CA GLY A 58 -26.02 3.91 24.94
C GLY A 58 -27.33 4.70 24.96
N LYS A 59 -27.28 6.02 25.13
CA LYS A 59 -28.50 6.80 25.38
C LYS A 59 -29.36 6.89 24.14
N THR A 60 -30.19 5.85 23.94
CA THR A 60 -30.94 5.69 22.70
C THR A 60 -31.92 6.84 22.48
N ASP A 61 -32.56 7.31 23.54
CA ASP A 61 -33.57 8.34 23.41
C ASP A 61 -32.97 9.73 23.31
N CYS A 62 -31.65 9.86 23.41
CA CYS A 62 -30.97 11.12 23.13
C CYS A 62 -29.90 10.86 22.07
N SER A 63 -30.33 10.82 20.81
CA SER A 63 -29.39 10.60 19.72
C SER A 63 -28.41 11.76 19.58
N PRO A 64 -28.80 13.02 19.84
CA PRO A 64 -27.77 14.09 19.78
C PRO A 64 -26.58 13.83 20.70
N ILE A 65 -26.81 13.30 21.91
CA ILE A 65 -25.67 13.05 22.79
C ILE A 65 -24.92 11.79 22.35
N GLN A 66 -25.62 10.81 21.77
CA GLN A 66 -24.90 9.72 21.12
C GLN A 66 -23.94 10.28 20.07
N PHE A 67 -24.43 11.23 19.27
CA PHE A 67 -23.64 11.77 18.17
C PHE A 67 -22.44 12.53 18.71
N GLU A 68 -22.66 13.41 19.68
CA GLU A 68 -21.58 14.22 20.20
C GLU A 68 -20.53 13.34 20.87
N SER A 69 -20.97 12.37 21.68
CA SER A 69 -19.96 11.54 22.34
C SER A 69 -19.20 10.70 21.32
N ALA A 70 -19.89 10.19 20.30
CA ALA A 70 -19.22 9.39 19.28
C ALA A 70 -18.19 10.21 18.52
N TRP A 71 -18.57 11.44 18.18
CA TRP A 71 -17.63 12.37 17.56
C TRP A 71 -16.42 12.57 18.46
N ALA A 72 -16.67 12.81 19.75
CA ALA A 72 -15.59 13.07 20.69
C ALA A 72 -14.67 11.86 20.84
N LEU A 73 -15.24 10.66 20.93
CA LEU A 73 -14.39 9.48 21.07
C LEU A 73 -13.61 9.19 19.80
N THR A 74 -14.25 9.39 18.64
CA THR A 74 -13.55 9.27 17.38
C THR A 74 -12.23 10.04 17.43
N ASN A 75 -12.30 11.30 17.87
CA ASN A 75 -11.13 12.18 17.77
C ASN A 75 -10.09 11.88 18.83
N ILE A 76 -10.50 11.42 20.02
CA ILE A 76 -9.52 10.89 20.96
C ILE A 76 -8.81 9.68 20.35
N ALA A 77 -9.56 8.76 19.74
CA ALA A 77 -8.95 7.57 19.13
C ALA A 77 -8.13 7.88 17.88
N SER A 78 -8.25 9.07 17.33
CA SER A 78 -7.43 9.43 16.18
C SER A 78 -5.99 9.75 16.55
N GLY A 79 -5.63 9.73 17.81
CA GLY A 79 -4.33 10.16 18.24
C GLY A 79 -3.32 9.05 18.34
N THR A 80 -2.44 9.19 19.33
CA THR A 80 -1.40 8.21 19.62
C THR A 80 -2.03 6.87 20.03
N SER A 81 -1.19 5.83 20.05
CA SER A 81 -1.65 4.51 20.50
C SER A 81 -2.18 4.58 21.91
N GLU A 82 -1.53 5.34 22.77
CA GLU A 82 -2.02 5.40 24.14
C GLU A 82 -3.37 6.09 24.20
N GLN A 83 -3.56 7.11 23.36
CA GLN A 83 -4.87 7.75 23.28
C GLN A 83 -5.94 6.79 22.76
N THR A 84 -5.64 6.04 21.69
CA THR A 84 -6.61 5.09 21.20
C THR A 84 -6.91 4.03 22.23
N LYS A 85 -5.85 3.55 22.92
CA LYS A 85 -6.01 2.53 23.96
C LYS A 85 -6.94 3.03 25.06
N ALA A 86 -6.86 4.33 25.38
CA ALA A 86 -7.74 4.89 26.40
C ALA A 86 -9.19 4.74 26.00
N VAL A 87 -9.49 4.84 24.69
CA VAL A 87 -10.87 4.71 24.23
C VAL A 87 -11.32 3.26 24.32
N VAL A 88 -10.46 2.33 23.87
CA VAL A 88 -10.79 0.92 23.98
C VAL A 88 -10.99 0.52 25.44
N ASP A 89 -10.01 0.84 26.29
CA ASP A 89 -10.11 0.54 27.72
C ASP A 89 -11.39 1.08 28.34
N GLY A 90 -12.00 2.10 27.73
CA GLY A 90 -13.26 2.59 28.23
C GLY A 90 -14.48 1.79 27.81
N GLY A 91 -14.29 0.65 27.14
CA GLY A 91 -15.40 -0.17 26.68
C GLY A 91 -16.09 0.33 25.42
N ALA A 92 -15.45 1.21 24.65
CA ALA A 92 -16.10 1.81 23.50
C ALA A 92 -16.41 0.82 22.38
N ILE A 93 -15.71 -0.31 22.29
CA ILE A 93 -15.83 -1.12 21.08
C ILE A 93 -17.21 -1.79 21.02
N PRO A 94 -17.65 -2.56 22.02
CA PRO A 94 -19.03 -3.07 21.95
C PRO A 94 -20.03 -1.94 21.77
N ALA A 95 -19.76 -0.77 22.33
CA ALA A 95 -20.71 0.34 22.29
C ALA A 95 -20.82 0.91 20.88
N PHE A 96 -19.68 1.10 20.19
CA PHE A 96 -19.72 1.58 18.81
C PHE A 96 -20.37 0.57 17.87
N ILE A 97 -20.15 -0.72 18.12
CA ILE A 97 -20.75 -1.75 17.28
C ILE A 97 -22.26 -1.73 17.42
N SER A 98 -22.76 -1.51 18.64
CA SER A 98 -24.20 -1.32 18.80
C SER A 98 -24.70 -0.14 17.98
N LEU A 99 -23.91 0.93 17.89
CA LEU A 99 -24.34 2.14 17.19
C LEU A 99 -24.45 1.93 15.71
N LEU A 100 -23.77 0.92 15.16
CA LEU A 100 -23.89 0.64 13.73
C LEU A 100 -25.34 0.43 13.34
N ALA A 101 -26.16 -0.02 14.30
CA ALA A 101 -27.57 -0.29 14.09
C ALA A 101 -28.46 0.96 14.28
N SER A 102 -27.89 2.15 14.34
CA SER A 102 -28.71 3.32 14.59
C SER A 102 -29.58 3.65 13.37
N PRO A 103 -30.77 4.20 13.58
CA PRO A 103 -31.57 4.67 12.44
C PRO A 103 -31.05 5.98 11.86
N HIS A 104 -30.19 6.69 12.57
CA HIS A 104 -29.67 7.97 12.11
C HIS A 104 -28.33 7.75 11.42
N ALA A 105 -28.27 8.10 10.13
CA ALA A 105 -27.09 7.81 9.34
C ALA A 105 -25.88 8.59 9.81
N HIS A 106 -26.08 9.73 10.46
CA HIS A 106 -24.91 10.45 10.94
C HIS A 106 -24.36 9.85 12.23
N ILE A 107 -25.18 9.15 13.03
CA ILE A 107 -24.66 8.43 14.18
C ILE A 107 -23.82 7.26 13.72
N SER A 108 -24.41 6.38 12.91
CA SER A 108 -23.72 5.16 12.52
C SER A 108 -22.45 5.49 11.76
N GLU A 109 -22.49 6.52 10.90
CA GLU A 109 -21.28 6.97 10.23
C GLU A 109 -20.17 7.28 11.23
N GLN A 110 -20.52 7.96 12.33
CA GLN A 110 -19.53 8.26 13.37
C GLN A 110 -19.08 7.01 14.09
N ALA A 111 -19.98 6.03 14.26
CA ALA A 111 -19.58 4.73 14.76
C ALA A 111 -18.59 4.04 13.81
N VAL A 112 -18.86 4.09 12.51
CA VAL A 112 -17.97 3.48 11.52
C VAL A 112 -16.58 4.09 11.64
N TRP A 113 -16.54 5.42 11.63
CA TRP A 113 -15.28 6.17 11.69
C TRP A 113 -14.44 5.78 12.91
N ALA A 114 -15.05 5.74 14.10
CA ALA A 114 -14.29 5.41 15.31
C ALA A 114 -13.73 3.98 15.27
N LEU A 115 -14.54 3.02 14.82
CA LEU A 115 -13.99 1.67 14.68
C LEU A 115 -12.80 1.67 13.73
N GLY A 116 -12.83 2.52 12.69
CA GLY A 116 -11.67 2.62 11.81
C GLY A 116 -10.45 3.15 12.53
N ASN A 117 -10.61 4.20 13.33
CA ASN A 117 -9.49 4.75 14.09
C ASN A 117 -8.95 3.72 15.08
N ILE A 118 -9.81 2.86 15.63
CA ILE A 118 -9.35 1.84 16.55
C ILE A 118 -8.62 0.73 15.79
N ALA A 119 -9.23 0.23 14.70
CA ALA A 119 -8.57 -0.84 13.96
C ALA A 119 -7.25 -0.37 13.37
N GLY A 120 -7.14 0.93 13.05
CA GLY A 120 -5.92 1.46 12.47
C GLY A 120 -4.74 1.45 13.41
N ASP A 121 -4.98 1.33 14.72
CA ASP A 121 -3.85 1.32 15.62
C ASP A 121 -2.94 0.11 15.42
N GLY A 122 -3.47 -1.03 15.00
CA GLY A 122 -2.62 -2.17 14.74
C GLY A 122 -3.36 -3.48 14.82
N SER A 123 -2.59 -4.55 14.67
CA SER A 123 -3.13 -5.89 14.53
C SER A 123 -4.05 -6.25 15.69
N ALA A 124 -3.60 -5.95 16.91
CA ALA A 124 -4.35 -6.42 18.08
C ALA A 124 -5.68 -5.69 18.19
N PHE A 125 -5.68 -4.36 18.00
CA PHE A 125 -6.96 -3.66 18.09
C PHE A 125 -7.82 -4.00 16.90
N ARG A 126 -7.18 -4.18 15.74
CA ARG A 126 -7.89 -4.68 14.56
C ARG A 126 -8.62 -5.97 14.88
N ASP A 127 -7.86 -7.02 15.23
CA ASP A 127 -8.45 -8.30 15.58
C ASP A 127 -9.50 -8.17 16.69
N LEU A 128 -9.24 -7.29 17.67
CA LEU A 128 -10.18 -7.16 18.78
C LEU A 128 -11.52 -6.58 18.31
N VAL A 129 -11.47 -5.65 17.35
CA VAL A 129 -12.71 -5.14 16.78
C VAL A 129 -13.48 -6.26 16.09
N ILE A 130 -12.77 -7.15 15.39
CA ILE A 130 -13.44 -8.24 14.70
C ILE A 130 -14.06 -9.20 15.70
N LYS A 131 -13.31 -9.51 16.77
CA LYS A 131 -13.81 -10.46 17.77
C LYS A 131 -15.10 -9.98 18.40
N HIS A 132 -15.25 -8.66 18.61
CA HIS A 132 -16.48 -8.08 19.12
C HIS A 132 -17.61 -8.10 18.10
N GLY A 133 -17.33 -8.51 16.86
CA GLY A 133 -18.38 -8.75 15.90
C GLY A 133 -18.71 -7.57 15.00
N ALA A 134 -17.71 -6.73 14.69
CA ALA A 134 -18.00 -5.53 13.92
C ALA A 134 -18.35 -5.84 12.47
N ILE A 135 -17.85 -6.95 11.91
CA ILE A 135 -17.91 -7.14 10.46
C ILE A 135 -19.35 -7.28 9.98
N ASP A 136 -20.12 -8.18 10.61
CA ASP A 136 -21.51 -8.39 10.19
C ASP A 136 -22.27 -7.08 10.05
N PRO A 137 -22.38 -6.24 11.10
CA PRO A 137 -23.12 -4.98 10.94
C PRO A 137 -22.44 -3.95 10.06
N LEU A 138 -21.12 -4.03 9.88
CA LEU A 138 -20.50 -3.15 8.89
C LEU A 138 -20.97 -3.51 7.48
N LEU A 139 -20.88 -4.79 7.11
CA LEU A 139 -21.31 -5.18 5.76
C LEU A 139 -22.79 -4.96 5.57
N ALA A 140 -23.57 -5.10 6.66
CA ALA A 140 -25.00 -4.88 6.59
C ALA A 140 -25.31 -3.47 6.08
N LEU A 141 -24.53 -2.48 6.50
CA LEU A 141 -24.79 -1.10 6.08
C LEU A 141 -24.70 -0.93 4.56
N LEU A 142 -24.07 -1.88 3.86
CA LEU A 142 -23.87 -1.80 2.42
C LEU A 142 -24.76 -2.78 1.66
N ALA A 143 -25.62 -3.53 2.35
CA ALA A 143 -26.54 -4.45 1.71
C ALA A 143 -27.62 -3.70 0.93
N VAL A 144 -27.25 -3.11 -0.21
CA VAL A 144 -28.22 -2.46 -1.10
C VAL A 144 -27.88 -2.84 -2.54
N PRO A 145 -28.92 -2.93 -3.40
CA PRO A 145 -28.68 -3.30 -4.81
C PRO A 145 -27.62 -2.44 -5.49
N ASP A 146 -27.70 -1.13 -5.32
CA ASP A 146 -26.81 -0.17 -5.96
C ASP A 146 -26.20 0.71 -4.89
N LEU A 147 -24.87 0.64 -4.76
CA LEU A 147 -24.15 1.51 -3.86
C LEU A 147 -24.46 2.98 -4.10
N SER A 148 -24.87 3.33 -5.33
CA SER A 148 -25.02 4.72 -5.70
C SER A 148 -26.12 5.44 -4.91
N THR A 149 -27.04 4.70 -4.30
CA THR A 149 -28.09 5.34 -3.53
C THR A 149 -27.64 5.70 -2.11
N LEU A 150 -26.42 5.34 -1.73
CA LEU A 150 -25.88 5.72 -0.44
C LEU A 150 -25.18 7.05 -0.56
N ALA A 151 -25.14 7.79 0.54
CA ALA A 151 -24.48 9.08 0.55
C ALA A 151 -22.98 8.94 0.32
N CYS A 152 -22.46 9.85 -0.47
CA CYS A 152 -21.05 9.87 -0.84
C CYS A 152 -20.12 9.78 0.38
N GLY A 153 -20.20 10.76 1.27
CA GLY A 153 -19.33 10.75 2.45
C GLY A 153 -19.53 9.50 3.30
N TYR A 154 -20.77 9.01 3.38
CA TYR A 154 -21.04 7.79 4.13
C TYR A 154 -20.29 6.62 3.52
N LEU A 155 -20.31 6.51 2.19
CA LEU A 155 -19.66 5.40 1.51
C LEU A 155 -18.15 5.42 1.72
N ARG A 156 -17.53 6.61 1.58
CA ARG A 156 -16.08 6.70 1.71
C ARG A 156 -15.62 6.37 3.11
N ASN A 157 -16.42 6.69 4.12
CA ASN A 157 -16.06 6.36 5.48
C ASN A 157 -15.99 4.86 5.67
N LEU A 158 -17.01 4.14 5.18
CA LEU A 158 -17.04 2.68 5.34
C LEU A 158 -15.86 2.03 4.66
N THR A 159 -15.64 2.36 3.38
CA THR A 159 -14.50 1.84 2.64
C THR A 159 -13.19 2.02 3.42
N TRP A 160 -12.96 3.23 3.94
CA TRP A 160 -11.75 3.47 4.71
C TRP A 160 -11.66 2.55 5.93
N THR A 161 -12.73 2.50 6.72
CA THR A 161 -12.75 1.59 7.87
C THR A 161 -12.54 0.15 7.43
N LEU A 162 -13.11 -0.25 6.28
CA LEU A 162 -12.93 -1.62 5.84
C LEU A 162 -11.50 -1.89 5.43
N SER A 163 -10.78 -0.91 4.89
CA SER A 163 -9.38 -1.17 4.57
C SER A 163 -8.56 -1.35 5.84
N ASN A 164 -8.84 -0.57 6.89
CA ASN A 164 -8.09 -0.75 8.12
C ASN A 164 -8.34 -2.11 8.75
N LEU A 165 -9.49 -2.73 8.48
CA LEU A 165 -9.63 -4.11 8.94
C LEU A 165 -8.88 -5.09 8.06
N CYS A 166 -8.46 -4.67 6.86
CA CYS A 166 -7.62 -5.49 5.99
C CYS A 166 -6.12 -5.29 6.21
N ARG A 167 -5.75 -4.38 7.10
CA ARG A 167 -4.41 -3.80 7.17
C ARG A 167 -3.59 -4.41 8.30
N ASN A 168 -2.27 -4.20 8.19
CA ASN A 168 -1.24 -4.64 9.13
C ASN A 168 -0.96 -6.14 9.00
N LYS A 169 0.30 -6.52 9.08
CA LYS A 169 0.69 -7.92 9.21
C LYS A 169 1.19 -8.16 10.63
N ASN A 170 1.74 -9.35 10.86
CA ASN A 170 2.18 -9.77 12.18
C ASN A 170 1.10 -9.61 13.25
N PRO A 171 -0.01 -10.34 13.13
CA PRO A 171 -0.39 -11.26 12.06
C PRO A 171 -1.22 -10.54 11.02
N ALA A 172 -1.37 -11.13 9.83
CA ALA A 172 -2.36 -10.67 8.88
C ALA A 172 -3.74 -10.84 9.51
N PRO A 173 -4.78 -10.21 8.96
CA PRO A 173 -6.14 -10.37 9.52
C PRO A 173 -6.58 -11.83 9.48
N PRO A 174 -7.52 -12.22 10.36
CA PRO A 174 -8.08 -13.58 10.29
C PRO A 174 -8.58 -13.90 8.89
N LEU A 175 -8.29 -15.15 8.44
CA LEU A 175 -8.65 -15.58 7.10
C LEU A 175 -10.16 -15.47 6.87
N ASP A 176 -10.97 -15.98 7.82
CA ASP A 176 -12.41 -15.91 7.67
C ASP A 176 -12.91 -14.48 7.62
N ALA A 177 -12.30 -13.60 8.42
CA ALA A 177 -12.60 -12.17 8.31
C ALA A 177 -12.35 -11.68 6.88
N VAL A 178 -11.20 -12.03 6.32
CA VAL A 178 -10.85 -11.64 4.95
C VAL A 178 -11.88 -12.18 3.95
N GLU A 179 -12.23 -13.46 4.07
CA GLU A 179 -13.21 -14.03 3.15
C GLU A 179 -14.58 -13.36 3.32
N GLN A 180 -14.91 -12.98 4.55
CA GLN A 180 -16.20 -12.35 4.77
C GLN A 180 -16.26 -10.95 4.17
N ILE A 181 -15.14 -10.23 4.19
CA ILE A 181 -15.11 -8.87 3.69
C ILE A 181 -14.90 -8.80 2.19
N LEU A 182 -14.16 -9.76 1.63
CA LEU A 182 -13.68 -9.61 0.26
C LEU A 182 -14.77 -9.35 -0.78
N PRO A 183 -15.91 -10.07 -0.79
CA PRO A 183 -16.92 -9.78 -1.83
C PRO A 183 -17.40 -8.35 -1.82
N THR A 184 -17.80 -7.83 -0.66
CA THR A 184 -18.19 -6.42 -0.59
C THR A 184 -17.06 -5.52 -1.05
N LEU A 185 -15.83 -5.85 -0.65
CA LEU A 185 -14.67 -5.08 -1.08
C LEU A 185 -14.54 -5.06 -2.60
N VAL A 186 -14.84 -6.18 -3.27
CA VAL A 186 -14.83 -6.19 -4.73
C VAL A 186 -15.91 -5.27 -5.28
N ARG A 187 -17.02 -5.11 -4.55
CA ARG A 187 -18.09 -4.24 -5.04
C ARG A 187 -17.69 -2.77 -4.97
N LEU A 188 -16.98 -2.39 -3.91
CA LEU A 188 -16.48 -1.02 -3.80
C LEU A 188 -15.43 -0.73 -4.88
N LEU A 189 -14.60 -1.74 -5.20
CA LEU A 189 -13.57 -1.59 -6.22
C LEU A 189 -14.16 -1.33 -7.61
N HIS A 190 -15.47 -1.46 -7.78
CA HIS A 190 -16.14 -1.17 -9.04
C HIS A 190 -17.06 0.03 -8.92
N HIS A 191 -17.18 0.61 -7.73
CA HIS A 191 -17.88 1.88 -7.56
C HIS A 191 -17.13 2.98 -8.30
N ASN A 192 -17.84 4.02 -8.70
CA ASN A 192 -17.25 5.06 -9.53
C ASN A 192 -16.74 6.26 -8.74
N ASP A 193 -16.67 6.17 -7.44
CA ASP A 193 -16.16 7.34 -6.72
C ASP A 193 -14.65 7.25 -6.59
N PRO A 194 -13.91 8.26 -7.04
CA PRO A 194 -12.44 8.21 -6.94
C PRO A 194 -11.91 7.87 -5.54
N GLU A 195 -12.48 8.43 -4.48
CA GLU A 195 -11.95 8.16 -3.15
C GLU A 195 -12.28 6.75 -2.68
N VAL A 196 -13.44 6.24 -3.08
CA VAL A 196 -13.78 4.86 -2.73
C VAL A 196 -12.82 3.92 -3.43
N LEU A 197 -12.52 4.18 -4.70
CA LEU A 197 -11.61 3.32 -5.46
C LEU A 197 -10.23 3.30 -4.83
N ALA A 198 -9.71 4.48 -4.50
CA ALA A 198 -8.41 4.56 -3.85
C ALA A 198 -8.41 3.73 -2.57
N ASP A 199 -9.43 3.89 -1.73
CA ASP A 199 -9.41 3.16 -0.47
C ASP A 199 -9.55 1.67 -0.68
N SER A 200 -10.28 1.26 -1.74
CA SER A 200 -10.44 -0.17 -2.01
C SER A 200 -9.13 -0.78 -2.51
N CYS A 201 -8.43 -0.09 -3.40
CA CYS A 201 -7.14 -0.60 -3.86
C CYS A 201 -6.17 -0.74 -2.70
N TRP A 202 -6.17 0.23 -1.77
CA TRP A 202 -5.36 0.09 -0.57
C TRP A 202 -5.67 -1.21 0.14
N ALA A 203 -6.96 -1.48 0.34
CA ALA A 203 -7.37 -2.70 1.01
C ALA A 203 -6.84 -3.93 0.26
N ILE A 204 -7.10 -4.00 -1.05
CA ILE A 204 -6.63 -5.11 -1.86
C ILE A 204 -5.10 -5.21 -1.81
N SER A 205 -4.41 -4.07 -1.73
CA SER A 205 -2.96 -4.12 -1.67
C SER A 205 -2.50 -4.71 -0.34
N TYR A 206 -3.20 -4.41 0.76
CA TYR A 206 -2.87 -5.04 2.04
C TYR A 206 -3.09 -6.55 1.97
N LEU A 207 -4.24 -6.96 1.45
CA LEU A 207 -4.57 -8.37 1.41
C LEU A 207 -3.58 -9.16 0.55
N THR A 208 -3.00 -8.53 -0.48
CA THR A 208 -2.00 -9.22 -1.31
C THR A 208 -0.58 -9.04 -0.79
N ASP A 209 -0.37 -8.30 0.30
CA ASP A 209 0.96 -8.17 0.89
C ASP A 209 1.19 -9.31 1.88
N GLY A 210 1.72 -10.42 1.39
CA GLY A 210 1.97 -11.55 2.24
C GLY A 210 2.18 -12.83 1.46
N PRO A 211 1.90 -13.97 2.10
CA PRO A 211 2.19 -15.25 1.48
C PRO A 211 1.31 -15.49 0.27
N ASN A 212 1.78 -16.42 -0.59
CA ASN A 212 1.13 -16.69 -1.86
C ASN A 212 -0.32 -17.11 -1.69
N GLU A 213 -0.66 -17.68 -0.53
CA GLU A 213 -2.02 -18.13 -0.30
C GLU A 213 -2.96 -17.00 0.01
N ARG A 214 -2.45 -15.93 0.62
CA ARG A 214 -3.20 -14.68 0.71
C ARG A 214 -3.45 -14.11 -0.68
N ILE A 215 -2.37 -13.87 -1.44
CA ILE A 215 -2.49 -13.44 -2.84
C ILE A 215 -3.52 -14.28 -3.56
N GLU A 216 -3.52 -15.59 -3.30
CA GLU A 216 -4.43 -16.48 -4.01
C GLU A 216 -5.88 -16.17 -3.72
N MET A 217 -6.22 -15.87 -2.45
CA MET A 217 -7.60 -15.52 -2.14
C MET A 217 -8.08 -14.33 -2.96
N VAL A 218 -7.19 -13.38 -3.21
CA VAL A 218 -7.57 -12.21 -3.98
C VAL A 218 -7.69 -12.55 -5.47
N VAL A 219 -6.68 -13.21 -6.03
CA VAL A 219 -6.71 -13.56 -7.44
C VAL A 219 -7.91 -14.44 -7.74
N LYS A 220 -8.22 -15.36 -6.83
CA LYS A 220 -9.39 -16.23 -6.95
C LYS A 220 -10.68 -15.45 -7.21
N LYS A 221 -10.85 -14.26 -6.57
CA LYS A 221 -12.05 -13.44 -6.77
C LYS A 221 -12.03 -12.63 -8.07
N GLY A 222 -11.05 -12.79 -8.96
CA GLY A 222 -11.17 -12.13 -10.25
C GLY A 222 -11.00 -10.63 -10.26
N VAL A 223 -10.33 -10.07 -9.25
CA VAL A 223 -10.18 -8.61 -9.18
C VAL A 223 -9.07 -8.09 -10.07
N VAL A 224 -8.24 -8.97 -10.63
CA VAL A 224 -7.04 -8.50 -11.32
C VAL A 224 -7.37 -7.65 -12.54
N PRO A 225 -8.28 -8.05 -13.43
CA PRO A 225 -8.58 -7.14 -14.55
C PRO A 225 -8.96 -5.75 -14.07
N GLN A 226 -9.79 -5.64 -13.03
CA GLN A 226 -10.16 -4.31 -12.57
C GLN A 226 -8.97 -3.57 -11.94
N LEU A 227 -8.07 -4.30 -11.25
CA LEU A 227 -6.84 -3.65 -10.81
C LEU A 227 -6.08 -3.08 -12.00
N VAL A 228 -6.02 -3.83 -13.11
CA VAL A 228 -5.30 -3.36 -14.28
C VAL A 228 -5.98 -2.13 -14.88
N LYS A 229 -7.32 -2.11 -14.91
CA LYS A 229 -8.04 -0.92 -15.34
C LYS A 229 -7.71 0.28 -14.46
N LEU A 230 -7.79 0.11 -13.13
CA LEU A 230 -7.46 1.20 -12.22
C LEU A 230 -5.97 1.57 -12.29
N LEU A 231 -5.13 0.64 -12.71
CA LEU A 231 -3.72 0.94 -12.95
C LEU A 231 -3.53 2.04 -14.00
N GLY A 232 -4.55 2.30 -14.82
CA GLY A 232 -4.45 3.32 -15.83
C GLY A 232 -5.30 4.55 -15.55
N ALA A 233 -5.74 4.72 -14.33
CA ALA A 233 -6.53 5.90 -13.99
C ALA A 233 -5.68 7.16 -14.14
N THR A 234 -6.35 8.29 -14.39
CA THR A 234 -5.63 9.55 -14.34
C THR A 234 -5.26 9.93 -12.92
N GLU A 235 -6.07 9.49 -11.96
CA GLU A 235 -5.96 9.92 -10.56
C GLU A 235 -4.85 9.14 -9.88
N LEU A 236 -3.75 9.83 -9.58
CA LEU A 236 -2.62 9.16 -8.96
C LEU A 236 -2.92 8.57 -7.57
N PRO A 237 -3.84 9.10 -6.76
CA PRO A 237 -4.20 8.38 -5.53
C PRO A 237 -4.83 7.03 -5.80
N ILE A 238 -5.29 6.77 -7.03
CA ILE A 238 -5.74 5.45 -7.43
C ILE A 238 -4.59 4.60 -7.96
N VAL A 239 -3.81 5.18 -8.88
CA VAL A 239 -2.70 4.46 -9.49
C VAL A 239 -1.76 3.93 -8.42
N THR A 240 -1.55 4.70 -7.37
CA THR A 240 -0.55 4.30 -6.39
C THR A 240 -0.91 2.99 -5.70
N PRO A 241 -2.10 2.83 -5.08
CA PRO A 241 -2.40 1.51 -4.49
C PRO A 241 -2.65 0.42 -5.52
N ALA A 242 -3.21 0.75 -6.69
CA ALA A 242 -3.39 -0.28 -7.71
C ALA A 242 -2.04 -0.89 -8.10
N LEU A 243 -1.02 -0.05 -8.23
CA LEU A 243 0.29 -0.55 -8.63
C LEU A 243 0.88 -1.42 -7.52
N ARG A 244 0.77 -0.96 -6.29
CA ARG A 244 1.28 -1.74 -5.18
C ARG A 244 0.62 -3.10 -5.11
N ALA A 245 -0.69 -3.15 -5.30
CA ALA A 245 -1.39 -4.44 -5.30
C ALA A 245 -0.90 -5.33 -6.44
N ILE A 246 -0.71 -4.74 -7.62
CA ILE A 246 -0.17 -5.50 -8.75
C ILE A 246 1.24 -5.99 -8.44
N GLY A 247 2.12 -5.07 -7.96
CA GLY A 247 3.46 -5.48 -7.56
C GLY A 247 3.46 -6.60 -6.53
N ASN A 248 2.46 -6.63 -5.65
CA ASN A 248 2.37 -7.69 -4.65
C ASN A 248 2.05 -9.02 -5.30
N ILE A 249 1.08 -9.02 -6.22
CA ILE A 249 0.64 -10.28 -6.80
C ILE A 249 1.76 -10.95 -7.58
N VAL A 250 2.65 -10.17 -8.20
CA VAL A 250 3.70 -10.77 -9.03
C VAL A 250 4.86 -11.29 -8.19
N THR A 251 4.91 -11.00 -6.89
CA THR A 251 5.81 -11.69 -5.98
C THR A 251 5.34 -13.11 -5.66
N GLY A 252 4.16 -13.51 -6.13
CA GLY A 252 3.64 -14.84 -5.86
C GLY A 252 4.19 -15.84 -6.85
N THR A 253 3.37 -16.82 -7.18
CA THR A 253 3.78 -17.88 -8.09
C THR A 253 3.72 -17.39 -9.53
N ASP A 254 4.38 -18.13 -10.42
CA ASP A 254 4.33 -17.76 -11.82
C ASP A 254 2.91 -17.78 -12.36
N GLU A 255 2.06 -18.69 -11.86
CA GLU A 255 0.67 -18.71 -12.31
C GLU A 255 -0.05 -17.42 -11.92
N GLN A 256 0.22 -16.93 -10.71
CA GLN A 256 -0.39 -15.66 -10.29
C GLN A 256 0.16 -14.50 -11.09
N THR A 257 1.48 -14.49 -11.32
CA THR A 257 2.08 -13.49 -12.20
C THR A 257 1.48 -13.57 -13.59
N GLN A 258 1.15 -14.79 -14.05
CA GLN A 258 0.61 -14.96 -15.39
C GLN A 258 -0.77 -14.33 -15.51
N LYS A 259 -1.52 -14.30 -14.42
CA LYS A 259 -2.85 -13.72 -14.49
C LYS A 259 -2.77 -12.20 -14.59
N VAL A 260 -1.71 -11.59 -14.07
CA VAL A 260 -1.48 -10.17 -14.27
C VAL A 260 -1.15 -9.88 -15.72
N ILE A 261 -0.29 -10.71 -16.31
CA ILE A 261 0.04 -10.57 -17.72
C ILE A 261 -1.19 -10.81 -18.60
N ASP A 262 -1.99 -11.84 -18.27
CA ASP A 262 -3.18 -12.16 -19.05
C ASP A 262 -4.19 -11.02 -19.03
N ALA A 263 -4.24 -10.23 -17.96
CA ALA A 263 -5.23 -9.18 -17.85
C ALA A 263 -4.82 -7.91 -18.60
N GLY A 264 -3.64 -7.89 -19.23
CA GLY A 264 -3.19 -6.74 -20.00
C GLY A 264 -2.26 -5.78 -19.27
N ALA A 265 -1.71 -6.19 -18.13
CA ALA A 265 -0.98 -5.24 -17.28
C ALA A 265 0.24 -4.66 -17.98
N LEU A 266 0.94 -5.47 -18.78
CA LEU A 266 2.15 -4.97 -19.41
C LEU A 266 1.87 -3.80 -20.35
N ALA A 267 0.64 -3.67 -20.86
CA ALA A 267 0.35 -2.56 -21.75
C ALA A 267 0.36 -1.22 -21.04
N VAL A 268 0.23 -1.19 -19.72
CA VAL A 268 0.24 0.09 -19.01
C VAL A 268 1.63 0.52 -18.58
N PHE A 269 2.61 -0.35 -18.69
CA PHE A 269 3.93 -0.03 -18.16
C PHE A 269 4.75 0.96 -18.99
N PRO A 270 4.45 1.16 -20.28
CA PRO A 270 5.12 2.30 -20.92
C PRO A 270 4.85 3.63 -20.21
N SER A 271 3.63 3.85 -19.72
C SER A 271 3.75 4.99 -17.17
N LEU A 272 3.72 3.80 -16.59
CA LEU A 272 4.27 3.59 -15.26
C LEU A 272 5.79 3.80 -15.22
N LEU A 273 6.51 3.27 -16.23
CA LEU A 273 7.96 3.38 -16.26
C LEU A 273 8.46 4.77 -16.65
N THR A 274 7.56 5.66 -17.13
CA THR A 274 7.89 7.05 -17.41
C THR A 274 6.99 8.01 -16.63
N ASN A 275 6.40 7.55 -15.55
CA ASN A 275 5.49 8.38 -14.78
C ASN A 275 6.24 9.53 -14.13
N PRO A 276 5.66 10.73 -14.12
CA PRO A 276 6.34 11.86 -13.48
C PRO A 276 6.57 11.66 -11.99
N LYS A 277 5.74 10.88 -11.31
CA LYS A 277 5.88 10.71 -9.87
C LYS A 277 6.90 9.62 -9.58
N THR A 278 7.95 9.98 -8.83
CA THR A 278 9.13 9.10 -8.69
C THR A 278 8.76 7.74 -8.13
N ASN A 279 7.81 7.69 -7.19
CA ASN A 279 7.53 6.41 -6.55
C ASN A 279 6.74 5.49 -7.47
N ILE A 280 5.94 6.04 -8.40
CA ILE A 280 5.29 5.19 -9.39
C ILE A 280 6.33 4.55 -10.30
N GLN A 281 7.27 5.36 -10.77
CA GLN A 281 8.37 4.83 -11.58
C GLN A 281 9.11 3.75 -10.82
N LYS A 282 9.39 4.00 -9.54
CA LYS A 282 10.10 3.02 -8.72
C LYS A 282 9.29 1.72 -8.61
N GLU A 283 8.06 1.80 -8.11
CA GLU A 283 7.27 0.60 -7.89
C GLU A 283 6.97 -0.13 -9.19
N ALA A 284 6.94 0.60 -10.32
CA ALA A 284 6.71 -0.07 -11.60
C ALA A 284 7.93 -0.85 -12.03
N THR A 285 9.12 -0.27 -11.83
CA THR A 285 10.35 -0.99 -12.13
C THR A 285 10.49 -2.20 -11.21
N TRP A 286 10.16 -2.03 -9.93
CA TRP A 286 10.16 -3.13 -8.97
C TRP A 286 9.28 -4.27 -9.46
N THR A 287 8.03 -3.96 -9.78
CA THR A 287 7.16 -4.96 -10.39
C THR A 287 7.83 -5.58 -11.60
N MET A 288 8.45 -4.77 -12.45
CA MET A 288 9.07 -5.34 -13.66
C MET A 288 10.14 -6.37 -13.32
N SER A 289 10.87 -6.15 -12.22
CA SER A 289 11.93 -7.10 -11.87
C SER A 289 11.37 -8.44 -11.39
N ASN A 290 10.18 -8.44 -10.78
CA ASN A 290 9.53 -9.69 -10.44
C ASN A 290 8.86 -10.36 -11.62
N ILE A 291 8.67 -9.63 -12.72
CA ILE A 291 8.18 -10.29 -13.91
C ILE A 291 9.34 -10.83 -14.74
N THR A 292 10.47 -10.13 -14.79
CA THR A 292 11.60 -10.72 -15.51
C THR A 292 12.26 -11.85 -14.73
N ALA A 293 11.86 -12.04 -13.48
CA ALA A 293 12.33 -13.16 -12.68
C ALA A 293 11.60 -14.45 -13.01
N GLY A 294 10.48 -14.36 -13.72
CA GLY A 294 9.67 -15.53 -14.03
C GLY A 294 10.18 -16.31 -15.22
N ARG A 295 9.25 -16.93 -15.93
CA ARG A 295 9.55 -17.90 -16.98
C ARG A 295 10.05 -17.21 -18.25
N GLN A 296 10.55 -18.02 -19.17
CA GLN A 296 11.01 -17.49 -20.45
C GLN A 296 9.86 -16.97 -21.28
N ASP A 297 8.70 -17.64 -21.24
CA ASP A 297 7.55 -17.13 -21.98
C ASP A 297 7.05 -15.82 -21.40
N GLN A 298 7.27 -15.57 -20.11
CA GLN A 298 6.89 -14.29 -19.53
C GLN A 298 7.91 -13.21 -19.86
N ILE A 299 9.21 -13.55 -19.80
CA ILE A 299 10.21 -12.65 -20.35
C ILE A 299 9.84 -12.27 -21.79
N GLN A 300 9.38 -13.24 -22.56
CA GLN A 300 9.02 -12.96 -23.94
C GLN A 300 7.85 -11.99 -24.04
N GLN A 301 6.89 -12.10 -23.13
CA GLN A 301 5.78 -11.14 -23.07
C GLN A 301 6.28 -9.74 -22.72
N VAL A 302 7.32 -9.67 -21.90
CA VAL A 302 7.93 -8.38 -21.62
C VAL A 302 8.53 -7.80 -22.89
N VAL A 303 9.26 -8.63 -23.63
CA VAL A 303 9.88 -8.19 -24.87
C VAL A 303 8.81 -7.71 -25.84
N ASN A 304 7.76 -8.53 -26.04
CA ASN A 304 6.73 -8.24 -27.04
C ASN A 304 6.01 -6.92 -26.77
N HIS A 305 5.88 -6.53 -25.50
CA HIS A 305 5.25 -5.25 -25.21
C HIS A 305 6.20 -4.09 -25.39
N GLY A 306 7.38 -4.33 -25.93
CA GLY A 306 8.33 -3.26 -26.09
C GLY A 306 8.85 -2.71 -24.79
N LEU A 307 8.74 -3.46 -23.69
CA LEU A 307 9.11 -2.93 -22.38
C LEU A 307 10.62 -2.85 -22.19
N VAL A 308 11.41 -3.60 -22.98
CA VAL A 308 12.86 -3.59 -22.79
C VAL A 308 13.45 -2.23 -23.12
N PRO A 309 13.06 -1.52 -24.19
CA PRO A 309 13.55 -0.14 -24.35
C PRO A 309 13.19 0.76 -23.17
N PHE A 310 12.08 0.46 -22.48
CA PHE A 310 11.73 1.28 -21.32
C PHE A 310 12.63 0.97 -20.13
N LEU A 311 13.11 -0.27 -20.00
CA LEU A 311 14.07 -0.52 -18.94
C LEU A 311 15.42 0.09 -19.26
N VAL A 312 15.83 0.07 -20.53
CA VAL A 312 17.00 0.85 -20.92
C VAL A 312 16.82 2.32 -20.54
N GLY A 313 15.65 2.89 -20.86
CA GLY A 313 15.39 4.28 -20.49
C GLY A 313 15.54 4.52 -19.00
N VAL A 314 14.83 3.73 -18.20
CA VAL A 314 14.90 3.92 -16.74
C VAL A 314 16.32 3.69 -16.23
N LEU A 315 17.05 2.77 -16.85
CA LEU A 315 18.46 2.61 -16.51
C LEU A 315 19.27 3.84 -16.91
N SER A 316 18.91 4.48 -18.03
CA SER A 316 19.70 5.61 -18.50
C SER A 316 19.51 6.85 -17.61
N LYS A 317 18.27 7.15 -17.26
CA LYS A 317 17.98 8.36 -16.49
C LYS A 317 16.73 8.09 -15.69
N ALA A 318 16.87 8.16 -14.38
CA ALA A 318 15.80 7.93 -13.44
C ALA A 318 16.38 8.25 -12.08
N ASP A 319 15.51 8.39 -11.10
CA ASP A 319 15.96 8.46 -9.73
C ASP A 319 16.77 7.20 -9.40
N PHE A 320 17.81 7.35 -8.56
CA PHE A 320 18.73 6.24 -8.36
C PHE A 320 18.05 5.03 -7.74
N LYS A 321 17.04 5.24 -6.90
CA LYS A 321 16.29 4.11 -6.35
C LYS A 321 15.61 3.35 -7.46
N THR A 322 15.03 4.07 -8.42
CA THR A 322 14.42 3.43 -9.57
C THR A 322 15.47 2.68 -10.38
N GLN A 323 16.65 3.29 -10.60
CA GLN A 323 17.70 2.62 -11.37
C GLN A 323 18.10 1.31 -10.72
N LYS A 324 18.18 1.29 -9.38
CA LYS A 324 18.56 0.08 -8.66
C LYS A 324 17.56 -1.05 -8.92
N GLU A 325 16.26 -0.74 -8.95
CA GLU A 325 15.29 -1.75 -9.37
C GLU A 325 15.52 -2.19 -10.82
N ALA A 326 15.82 -1.24 -11.70
CA ALA A 326 16.07 -1.59 -13.10
C ALA A 326 17.26 -2.54 -13.22
N ALA A 327 18.32 -2.33 -12.45
CA ALA A 327 19.44 -3.27 -12.52
C ALA A 327 18.98 -4.66 -12.07
N TRP A 328 18.11 -4.71 -11.05
CA TRP A 328 17.55 -6.00 -10.63
C TRP A 328 16.74 -6.64 -11.74
N ALA A 329 15.86 -5.86 -12.37
CA ALA A 329 15.08 -6.37 -13.49
C ALA A 329 16.00 -6.98 -14.55
N ILE A 330 17.12 -6.30 -14.84
CA ILE A 330 17.99 -6.77 -15.91
C ILE A 330 18.69 -8.06 -15.51
N THR A 331 19.25 -8.11 -14.29
CA THR A 331 19.93 -9.33 -13.86
C THR A 331 18.96 -10.51 -13.85
N ASN A 332 17.72 -10.28 -13.43
CA ASN A 332 16.72 -11.35 -13.48
C ASN A 332 16.44 -11.78 -14.93
N TYR A 333 16.26 -10.80 -15.82
CA TYR A 333 16.08 -11.08 -17.24
C TYR A 333 17.25 -11.91 -17.78
N THR A 334 18.48 -11.50 -17.45
CA THR A 334 19.65 -12.20 -17.96
C THR A 334 19.86 -13.56 -17.29
N SER A 335 19.31 -13.77 -16.09
CA SER A 335 19.40 -15.07 -15.44
C SER A 335 18.49 -16.10 -16.10
N GLY A 336 17.27 -15.71 -16.44
CA GLY A 336 16.30 -16.67 -16.89
C GLY A 336 16.07 -16.65 -18.39
N GLY A 337 16.48 -15.58 -19.06
CA GLY A 337 16.19 -15.45 -20.48
C GLY A 337 16.95 -16.43 -21.36
N THR A 338 16.48 -16.58 -22.59
CA THR A 338 17.20 -17.30 -23.62
C THR A 338 18.35 -16.47 -24.17
N VAL A 339 19.20 -17.12 -24.96
CA VAL A 339 20.28 -16.40 -25.63
C VAL A 339 19.71 -15.31 -26.52
N GLU A 340 18.70 -15.64 -27.32
CA GLU A 340 18.06 -14.65 -28.18
C GLU A 340 17.60 -13.45 -27.36
N GLN A 341 16.93 -13.70 -26.25
CA GLN A 341 16.39 -12.62 -25.46
C GLN A 341 17.51 -11.77 -24.86
N ILE A 342 18.60 -12.41 -24.45
CA ILE A 342 19.73 -11.64 -23.94
C ILE A 342 20.35 -10.83 -25.05
N VAL A 343 20.47 -11.42 -26.25
CA VAL A 343 21.01 -10.68 -27.39
C VAL A 343 20.13 -9.46 -27.69
N TYR A 344 18.81 -9.65 -27.67
CA TYR A 344 17.88 -8.54 -27.87
C TYR A 344 18.18 -7.38 -26.92
N LEU A 345 18.34 -7.69 -25.63
CA LEU A 345 18.74 -6.73 -24.61
C LEU A 345 19.92 -5.89 -25.05
N VAL A 346 20.98 -6.53 -25.55
CA VAL A 346 22.16 -5.78 -25.96
C VAL A 346 21.85 -4.91 -27.17
N HIS A 347 21.07 -5.43 -28.13
CA HIS A 347 20.69 -4.62 -29.29
C HIS A 347 19.88 -3.40 -28.88
N CYS A 348 19.18 -3.45 -27.75
CA CYS A 348 18.38 -2.32 -27.35
C CYS A 348 19.22 -1.23 -26.68
N GLY A 349 20.49 -1.48 -26.42
CA GLY A 349 21.33 -0.49 -25.79
C GLY A 349 21.55 -0.65 -24.30
N ILE A 350 21.36 -1.86 -23.75
CA ILE A 350 21.51 -2.03 -22.31
C ILE A 350 22.93 -1.76 -21.83
N ILE A 351 23.93 -1.89 -22.71
CA ILE A 351 25.33 -1.92 -22.26
C ILE A 351 25.75 -0.57 -21.68
N GLU A 352 25.63 0.48 -22.47
CA GLU A 352 26.12 1.79 -22.02
C GLU A 352 25.49 2.25 -20.71
N PRO A 353 24.16 2.29 -20.54
CA PRO A 353 23.63 2.72 -19.24
C PRO A 353 24.07 1.82 -18.10
N LEU A 354 24.30 0.53 -18.39
CA LEU A 354 24.74 -0.40 -17.38
C LEU A 354 26.15 -0.07 -16.89
N MET A 355 27.07 0.20 -17.81
CA MET A 355 28.44 0.52 -17.42
C MET A 355 28.51 1.79 -16.59
N ASN A 356 27.65 2.77 -16.90
CA ASN A 356 27.75 4.04 -16.21
C ASN A 356 27.33 3.94 -14.76
N LEU A 357 26.50 2.95 -14.41
CA LEU A 357 26.13 2.79 -13.01
C LEU A 357 27.17 2.03 -12.22
N LEU A 358 28.17 1.45 -12.88
CA LEU A 358 29.29 0.87 -12.15
C LEU A 358 30.07 1.94 -11.40
N SER A 359 29.81 3.21 -11.67
CA SER A 359 30.36 4.32 -10.89
C SER A 359 29.54 4.63 -9.64
N ALA A 360 28.52 3.84 -9.35
CA ALA A 360 27.69 4.12 -8.19
C ALA A 360 28.44 3.72 -6.92
N LYS A 361 28.03 4.32 -5.80
CA LYS A 361 28.60 3.94 -4.52
C LYS A 361 28.00 2.64 -3.99
N ASP A 362 26.68 2.50 -4.12
CA ASP A 362 25.96 1.34 -3.60
C ASP A 362 26.64 0.04 -4.00
N THR A 363 26.93 -0.80 -3.01
CA THR A 363 27.68 -2.02 -3.28
C THR A 363 26.80 -3.11 -3.89
N LYS A 364 25.52 -3.17 -3.49
CA LYS A 364 24.64 -4.19 -4.07
C LYS A 364 24.37 -3.92 -5.54
N ILE A 365 24.19 -2.65 -5.93
CA ILE A 365 23.92 -2.36 -7.34
C ILE A 365 25.10 -2.80 -8.21
N ILE A 366 26.32 -2.73 -7.68
CA ILE A 366 27.48 -3.07 -8.50
C ILE A 366 27.60 -4.58 -8.63
N GLN A 367 27.35 -5.31 -7.56
CA GLN A 367 27.37 -6.77 -7.69
C GLN A 367 26.19 -7.25 -8.54
N VAL A 368 25.06 -6.55 -8.51
CA VAL A 368 23.96 -6.91 -9.40
C VAL A 368 24.34 -6.64 -10.84
N ILE A 369 25.00 -5.49 -11.09
CA ILE A 369 25.37 -5.15 -12.46
C ILE A 369 26.41 -6.13 -13.00
N LEU A 370 27.43 -6.44 -12.18
CA LEU A 370 28.45 -7.38 -12.64
C LEU A 370 27.84 -8.75 -12.89
N ASP A 371 26.91 -9.16 -12.02
CA ASP A 371 26.10 -10.36 -12.23
C ASP A 371 25.48 -10.36 -13.62
N ALA A 372 24.79 -9.28 -13.97
CA ALA A 372 24.16 -9.18 -15.28
C ALA A 372 25.18 -9.31 -16.39
N ILE A 373 26.32 -8.62 -16.25
CA ILE A 373 27.32 -8.65 -17.32
C ILE A 373 27.75 -10.07 -17.62
N SER A 374 27.95 -10.88 -16.59
CA SER A 374 28.48 -12.22 -16.85
C SER A 374 27.42 -13.12 -17.47
N ASN A 375 26.17 -13.03 -17.01
CA ASN A 375 25.10 -13.70 -17.74
C ASN A 375 25.11 -13.29 -19.20
N ILE A 376 25.35 -12.01 -19.47
CA ILE A 376 25.42 -11.54 -20.84
C ILE A 376 26.69 -12.02 -21.54
N PHE A 377 27.79 -12.18 -20.81
CA PHE A 377 28.96 -12.77 -21.45
C PHE A 377 28.78 -14.27 -21.69
N GLN A 378 28.11 -14.98 -20.77
CA GLN A 378 27.75 -16.37 -21.02
C GLN A 378 27.00 -16.50 -22.35
N ALA A 379 26.08 -15.58 -22.62
CA ALA A 379 25.36 -15.66 -23.88
C ALA A 379 26.28 -15.39 -25.07
N ALA A 380 27.26 -14.49 -24.90
CA ALA A 380 28.17 -14.18 -26.00
C ALA A 380 29.10 -15.36 -26.30
N GLU A 381 29.52 -16.09 -25.26
CA GLU A 381 30.26 -17.33 -25.48
C GLU A 381 29.40 -18.32 -26.25
N LYS A 382 28.17 -18.59 -25.78
CA LYS A 382 27.32 -19.55 -26.47
C LYS A 382 27.17 -19.25 -27.95
N LEU A 383 27.56 -18.05 -28.40
CA LEU A 383 27.49 -17.66 -29.80
C LEU A 383 28.85 -17.50 -30.44
N GLY A 384 29.92 -17.80 -29.71
CA GLY A 384 31.26 -17.55 -30.21
C GLY A 384 31.48 -16.07 -30.45
N GLU A 385 31.14 -15.26 -29.44
CA GLU A 385 31.11 -13.82 -29.68
C GLU A 385 31.50 -12.96 -28.49
N THR A 386 32.06 -13.54 -27.42
CA THR A 386 32.57 -12.78 -26.29
C THR A 386 33.35 -11.54 -26.73
N GLU A 387 34.13 -11.69 -27.80
CA GLU A 387 35.03 -10.64 -28.24
C GLU A 387 34.27 -9.34 -28.49
N LYS A 388 33.31 -9.38 -29.42
CA LYS A 388 32.59 -8.17 -29.82
C LYS A 388 31.94 -7.47 -28.63
N LEU A 389 31.29 -8.25 -27.75
CA LEU A 389 30.72 -7.65 -26.55
C LEU A 389 31.81 -7.02 -25.70
N SER A 390 32.93 -7.74 -25.52
CA SER A 390 34.03 -7.23 -24.73
C SER A 390 34.50 -5.87 -25.23
N ILE A 391 34.42 -5.65 -26.54
CA ILE A 391 34.84 -4.38 -27.13
C ILE A 391 33.80 -3.30 -26.86
N MET A 392 32.52 -3.62 -26.99
CA MET A 392 31.47 -2.70 -26.61
C MET A 392 31.69 -2.19 -25.19
N ILE A 393 31.90 -3.11 -24.25
CA ILE A 393 32.19 -2.72 -22.88
C ILE A 393 33.45 -1.88 -22.83
N GLU A 394 34.39 -2.15 -23.73
CA GLU A 394 35.62 -1.37 -23.77
C GLU A 394 35.34 0.06 -24.26
N GLU A 395 34.67 0.18 -25.41
CA GLU A 395 34.57 1.47 -26.10
C GLU A 395 33.90 2.52 -25.25
N CYS A 396 32.88 2.14 -24.48
CA CYS A 396 32.19 3.10 -23.63
C CYS A 396 32.83 3.23 -22.26
N GLY A 397 34.00 2.65 -22.04
CA GLY A 397 34.70 2.83 -20.79
C GLY A 397 34.24 1.94 -19.67
N GLY A 398 33.52 0.86 -19.96
CA GLY A 398 33.14 -0.08 -18.92
C GLY A 398 34.32 -0.84 -18.37
N LEU A 399 35.31 -1.13 -19.22
CA LEU A 399 36.50 -1.84 -18.78
C LEU A 399 37.20 -1.09 -17.64
N ASP A 400 37.34 0.22 -17.78
CA ASP A 400 37.83 1.05 -16.69
C ASP A 400 37.14 0.71 -15.38
N LYS A 401 35.82 0.55 -15.43
CA LYS A 401 35.07 0.28 -14.21
C LYS A 401 35.37 -1.10 -13.67
N ILE A 402 35.25 -2.12 -14.52
CA ILE A 402 35.46 -3.49 -14.07
C ILE A 402 36.88 -3.68 -13.58
N GLU A 403 37.84 -3.03 -14.25
CA GLU A 403 39.19 -2.92 -13.71
C GLU A 403 39.14 -2.35 -12.30
N ALA A 404 38.77 -1.07 -12.14
CA ALA A 404 38.82 -0.45 -10.82
C ALA A 404 38.01 -1.21 -9.77
N LEU A 405 37.10 -2.09 -10.17
CA LEU A 405 36.29 -2.82 -9.19
C LEU A 405 37.05 -3.97 -8.55
N GLN A 406 38.31 -4.18 -8.94
CA GLN A 406 39.19 -5.11 -8.23
C GLN A 406 39.63 -4.54 -6.89
N ARG A 407 39.78 -3.21 -6.80
CA ARG A 407 40.14 -2.53 -5.57
C ARG A 407 39.04 -2.57 -4.52
N HIS A 408 37.85 -2.98 -4.88
CA HIS A 408 36.69 -2.75 -4.03
C HIS A 408 36.78 -3.52 -2.72
N GLU A 409 36.39 -2.85 -1.63
CA GLU A 409 36.52 -3.46 -0.30
C GLU A 409 35.67 -4.70 -0.18
N ASN A 410 34.41 -4.65 -0.65
CA ASN A 410 33.54 -5.80 -0.53
C ASN A 410 34.12 -6.99 -1.27
N GLU A 411 34.04 -8.16 -0.64
CA GLU A 411 34.72 -9.34 -1.18
C GLU A 411 34.02 -9.86 -2.43
N SER A 412 32.69 -9.99 -2.39
CA SER A 412 31.98 -10.51 -3.55
C SER A 412 32.19 -9.61 -4.76
N VAL A 413 32.31 -8.29 -4.54
CA VAL A 413 32.55 -7.37 -5.64
C VAL A 413 33.87 -7.69 -6.33
N TYR A 414 34.98 -7.64 -5.56
CA TYR A 414 36.28 -7.66 -6.20
C TYR A 414 36.57 -9.00 -6.86
N LYS A 415 36.14 -10.11 -6.26
CA LYS A 415 36.32 -11.39 -6.95
C LYS A 415 35.41 -11.51 -8.15
N ALA A 416 34.31 -10.73 -8.20
CA ALA A 416 33.43 -10.74 -9.35
C ALA A 416 34.07 -10.04 -10.54
N SER A 417 34.50 -8.79 -10.37
CA SER A 417 35.16 -8.08 -11.45
C SER A 417 36.37 -8.86 -11.96
N LEU A 418 37.21 -9.36 -11.04
CA LEU A 418 38.38 -10.16 -11.40
C LEU A 418 38.02 -11.25 -12.38
N ASN A 419 37.10 -12.13 -11.99
CA ASN A 419 36.65 -13.21 -12.87
C ASN A 419 36.27 -12.69 -14.25
N LEU A 420 35.66 -11.51 -14.31
CA LEU A 420 35.24 -10.94 -15.60
C LEU A 420 36.45 -10.54 -16.43
N ILE A 421 37.47 -9.93 -15.81
CA ILE A 421 38.57 -9.41 -16.60
C ILE A 421 39.45 -10.54 -17.10
N GLU A 422 39.74 -11.52 -16.25
CA GLU A 422 40.61 -12.59 -16.72
C GLU A 422 39.90 -13.56 -17.64
N LYS A 423 38.57 -13.63 -17.59
CA LYS A 423 37.85 -14.58 -18.45
C LYS A 423 37.53 -14.03 -19.83
N TYR A 424 37.29 -12.72 -19.96
CA TYR A 424 36.92 -12.14 -21.26
C TYR A 424 37.75 -10.92 -21.66
N PHE A 425 38.73 -10.52 -20.86
CA PHE A 425 39.57 -9.35 -21.14
C PHE A 425 41.05 -9.69 -20.95
N SER A 426 41.52 -10.75 -21.62
CA SER A 426 42.88 -11.20 -21.45
C SER A 426 43.64 -11.20 -22.78
N ASN B 1 -2.51 5.76 2.44
CA ASN B 1 -3.77 5.66 3.16
C ASN B 1 -3.53 6.23 4.57
N TYR B 2 -4.32 7.23 4.94
CA TYR B 2 -4.30 7.71 6.31
C TYR B 2 -4.63 6.57 7.26
N TRP B 3 -3.88 6.49 8.37
CA TRP B 3 -4.00 5.45 9.39
C TRP B 3 -5.12 5.75 10.38
N LYS B 4 -5.18 6.99 10.87
CA LYS B 4 -6.27 7.52 11.66
C LYS B 4 -6.68 8.88 11.09
N ARG B 5 -7.87 9.34 11.48
CA ARG B 5 -8.45 10.55 10.93
C ARG B 5 -9.23 11.27 12.01
N ARG B 6 -8.97 12.57 12.16
CA ARG B 6 -9.73 13.42 13.07
C ARG B 6 -10.81 14.16 12.28
N ILE B 7 -12.03 14.23 12.82
CA ILE B 7 -13.14 14.88 12.11
C ILE B 7 -13.28 16.32 12.56
N GLU B 8 -13.47 17.22 11.58
CA GLU B 8 -13.44 18.67 11.72
C GLU B 8 -14.72 19.40 11.34
N VAL B 9 -15.70 18.73 10.71
CA VAL B 9 -17.02 19.34 10.47
C VAL B 9 -17.48 20.26 11.62
#